data_1XQW
#
_entry.id   1XQW
#
_cell.length_a   57.350
_cell.length_b   61.880
_cell.length_c   80.500
_cell.angle_alpha   90.00
_cell.angle_beta   90.00
_cell.angle_gamma   90.00
#
_symmetry.space_group_name_H-M   'P 21 21 21'
#
loop_
_entity.id
_entity.type
_entity.pdbx_description
1 polymer 'Proline iminopeptidase'
2 non-polymer PHENYLALANINE
3 non-polymer LEUCINE
4 water water
#
_entity_poly.entity_id   1
_entity_poly.type   'polypeptide(L)'
_entity_poly.pdbx_seq_one_letter_code
;MDQECIENYAKVNGIYIYYKLCKAPEEKAKLMTMHGGPGMSHDYLLSLRDMTKEGITVLFYDQFGCGRSEEPDQSKFTID
YGVEEAEALRSKLFGNEKVFLMGSAYGGALALAYAVKYQDHLKGLIVSGGLSSVPLTVKEMNRLIDELPAKYRDAIKKYG
SSGSYENPEYQEAVNYFYHQHLLRSEDWPPEVLKSLEYAERRNVYRIMNGPNEFTITGTIKDWDITDKISAIKIPTLITV
GEYDEVTPNVARVIHEKIAGSELHVFRDCSHLTMWEDREGYNKLLSDFILKHL
;
_entity_poly.pdbx_strand_id   A
#
# COMPACT_ATOMS: atom_id res chain seq x y z
N GLU A 4 19.86 -8.91 11.38
CA GLU A 4 19.75 -9.02 9.90
C GLU A 4 18.59 -9.92 9.54
N CYS A 5 17.75 -9.45 8.62
CA CYS A 5 16.58 -10.21 8.18
C CYS A 5 16.97 -11.40 7.33
N ILE A 6 16.06 -12.36 7.21
CA ILE A 6 16.32 -13.54 6.40
C ILE A 6 15.61 -13.37 5.04
N GLU A 7 16.41 -13.35 3.98
CA GLU A 7 15.89 -13.18 2.63
C GLU A 7 15.87 -14.51 1.88
N ASN A 8 14.84 -14.72 1.09
CA ASN A 8 14.72 -15.94 0.32
C ASN A 8 14.00 -15.67 -0.99
N TYR A 9 14.04 -16.63 -1.89
CA TYR A 9 13.40 -16.53 -3.19
C TYR A 9 12.82 -17.91 -3.48
N ALA A 10 11.64 -18.15 -2.93
CA ALA A 10 10.98 -19.45 -3.07
C ALA A 10 9.70 -19.39 -3.89
N LYS A 11 9.24 -20.56 -4.31
CA LYS A 11 8.03 -20.67 -5.11
C LYS A 11 6.81 -20.73 -4.20
N VAL A 12 5.79 -19.95 -4.53
CA VAL A 12 4.56 -19.93 -3.74
C VAL A 12 3.42 -20.57 -4.54
N ASN A 13 2.35 -19.83 -4.76
CA ASN A 13 1.23 -20.37 -5.52
C ASN A 13 1.58 -20.50 -6.99
N GLY A 14 2.71 -21.13 -7.29
CA GLY A 14 3.11 -21.35 -8.66
C GLY A 14 4.26 -20.53 -9.19
N ILE A 15 4.58 -19.41 -8.54
CA ILE A 15 5.66 -18.57 -9.01
C ILE A 15 6.64 -18.23 -7.90
N TYR A 16 7.86 -17.86 -8.28
CA TYR A 16 8.89 -17.51 -7.32
C TYR A 16 8.70 -16.09 -6.78
N ILE A 17 8.49 -16.01 -5.47
CA ILE A 17 8.29 -14.74 -4.80
C ILE A 17 9.44 -14.44 -3.85
N TYR A 18 9.92 -13.21 -3.88
CA TYR A 18 10.99 -12.77 -3.00
C TYR A 18 10.38 -12.25 -1.70
N TYR A 19 10.94 -12.65 -0.57
CA TYR A 19 10.43 -12.16 0.69
C TYR A 19 11.57 -11.92 1.66
N LYS A 20 11.34 -11.00 2.59
CA LYS A 20 12.32 -10.64 3.60
C LYS A 20 11.64 -10.68 4.97
N LEU A 21 12.04 -11.67 5.76
CA LEU A 21 11.50 -11.86 7.10
C LEU A 21 12.44 -11.33 8.18
N CYS A 22 12.03 -10.25 8.84
CA CYS A 22 12.81 -9.62 9.91
C CYS A 22 12.15 -10.01 11.24
N LYS A 23 12.69 -11.03 11.90
CA LYS A 23 12.12 -11.51 13.15
C LYS A 23 12.93 -11.22 14.41
N ALA A 24 12.34 -11.54 15.57
CA ALA A 24 12.98 -11.36 16.87
C ALA A 24 13.46 -9.92 17.09
N PRO A 25 13.95 -9.60 18.30
CA PRO A 25 14.03 -10.47 19.49
C PRO A 25 12.74 -10.50 20.30
N GLU A 26 12.59 -11.54 21.12
CA GLU A 26 11.40 -11.69 21.96
C GLU A 26 10.14 -11.39 21.16
N GLU A 27 9.86 -12.23 20.17
CA GLU A 27 8.68 -12.05 19.33
C GLU A 27 7.37 -12.17 20.07
N LYS A 28 6.53 -11.16 19.93
CA LYS A 28 5.20 -11.14 20.55
C LYS A 28 4.14 -11.37 19.48
N ALA A 29 4.47 -11.02 18.23
CA ALA A 29 3.53 -11.21 17.13
C ALA A 29 4.22 -11.10 15.77
N LYS A 30 3.51 -11.55 14.73
CA LYS A 30 4.02 -11.49 13.37
C LYS A 30 3.15 -10.55 12.56
N LEU A 31 3.78 -9.78 11.69
CA LEU A 31 3.05 -8.84 10.87
C LEU A 31 3.49 -8.94 9.41
N MET A 32 2.54 -9.24 8.53
CA MET A 32 2.81 -9.31 7.10
C MET A 32 2.48 -7.94 6.51
N THR A 33 3.23 -7.53 5.51
CA THR A 33 3.02 -6.22 4.90
C THR A 33 2.74 -6.34 3.40
N MET A 34 1.87 -5.48 2.90
CA MET A 34 1.55 -5.50 1.48
C MET A 34 1.85 -4.11 0.89
N HIS A 35 2.86 -4.03 0.04
CA HIS A 35 3.24 -2.76 -0.58
C HIS A 35 2.15 -2.32 -1.56
N GLY A 36 2.27 -1.09 -2.07
CA GLY A 36 1.31 -0.57 -3.01
C GLY A 36 1.67 -0.68 -4.48
N GLY A 37 1.20 0.28 -5.26
CA GLY A 37 1.46 0.26 -6.69
C GLY A 37 0.13 0.35 -7.40
N PRO A 38 -0.43 -0.77 -7.89
CA PRO A 38 0.18 -2.11 -7.82
C PRO A 38 1.44 -2.06 -8.67
N GLY A 39 2.45 -2.85 -8.31
CA GLY A 39 3.65 -2.85 -9.14
C GLY A 39 4.87 -2.16 -8.58
N MET A 40 4.86 -1.90 -7.28
CA MET A 40 5.98 -1.26 -6.60
C MET A 40 6.89 -2.38 -6.10
N SER A 41 7.24 -2.32 -4.82
CA SER A 41 8.08 -3.33 -4.19
C SER A 41 8.01 -3.11 -2.68
N HIS A 42 8.49 -4.07 -1.90
CA HIS A 42 8.45 -3.95 -0.44
C HIS A 42 9.38 -2.83 0.10
N ASP A 43 10.41 -2.51 -0.69
CA ASP A 43 11.40 -1.52 -0.28
C ASP A 43 10.93 -0.27 0.47
N TYR A 44 9.91 0.42 -0.04
CA TYR A 44 9.49 1.63 0.63
C TYR A 44 8.82 1.45 2.00
N LEU A 45 8.61 0.19 2.39
CA LEU A 45 8.01 -0.08 3.69
C LEU A 45 9.06 -0.46 4.72
N LEU A 46 10.33 -0.52 4.31
CA LEU A 46 11.39 -0.93 5.20
C LEU A 46 11.47 -0.19 6.52
N SER A 47 10.92 1.02 6.58
CA SER A 47 10.94 1.79 7.81
C SER A 47 10.14 1.10 8.92
N LEU A 48 9.25 0.18 8.53
CA LEU A 48 8.44 -0.55 9.50
C LEU A 48 9.29 -1.58 10.23
N ARG A 49 10.50 -1.81 9.72
CA ARG A 49 11.41 -2.76 10.31
C ARG A 49 11.73 -2.36 11.75
N ASP A 50 11.59 -1.07 12.06
CA ASP A 50 11.85 -0.56 13.41
C ASP A 50 11.02 -1.31 14.46
N MET A 51 9.84 -1.76 14.07
CA MET A 51 8.95 -2.45 14.99
C MET A 51 9.48 -3.76 15.58
N THR A 52 10.54 -4.31 15.00
CA THR A 52 11.10 -5.55 15.53
C THR A 52 11.62 -5.33 16.95
N LYS A 53 11.99 -4.09 17.26
CA LYS A 53 12.49 -3.77 18.59
C LYS A 53 11.36 -3.81 19.62
N GLU A 54 10.11 -3.82 19.13
CA GLU A 54 8.94 -3.87 20.00
C GLU A 54 8.34 -5.28 20.07
N GLY A 55 9.14 -6.29 19.71
CA GLY A 55 8.64 -7.65 19.75
C GLY A 55 7.74 -8.02 18.58
N ILE A 56 7.83 -7.26 17.49
CA ILE A 56 6.99 -7.53 16.32
C ILE A 56 7.82 -7.99 15.13
N THR A 57 7.65 -9.26 14.75
CA THR A 57 8.34 -9.82 13.60
C THR A 57 7.65 -9.23 12.38
N VAL A 58 8.44 -8.74 11.42
CA VAL A 58 7.86 -8.14 10.21
C VAL A 58 8.22 -8.91 8.95
N LEU A 59 7.21 -9.25 8.16
CA LEU A 59 7.42 -9.97 6.91
C LEU A 59 7.21 -9.02 5.73
N PHE A 60 8.24 -8.89 4.91
CA PHE A 60 8.19 -8.04 3.73
C PHE A 60 8.23 -8.99 2.53
N TYR A 61 7.69 -8.54 1.41
CA TYR A 61 7.74 -9.35 0.19
C TYR A 61 7.27 -8.57 -1.02
N ASP A 62 7.84 -8.90 -2.18
CA ASP A 62 7.48 -8.26 -3.44
C ASP A 62 6.38 -9.11 -4.08
N GLN A 63 5.20 -8.54 -4.27
CA GLN A 63 4.07 -9.27 -4.86
C GLN A 63 4.39 -9.75 -6.28
N PHE A 64 3.50 -10.55 -6.84
CA PHE A 64 3.72 -11.10 -8.19
C PHE A 64 4.08 -9.99 -9.18
N GLY A 65 5.06 -10.28 -10.04
CA GLY A 65 5.50 -9.33 -11.06
C GLY A 65 6.15 -8.07 -10.52
N CYS A 66 6.33 -8.01 -9.20
CA CYS A 66 6.92 -6.84 -8.56
C CYS A 66 8.35 -7.03 -8.05
N GLY A 67 9.11 -5.94 -8.09
CA GLY A 67 10.47 -5.98 -7.62
C GLY A 67 11.32 -7.12 -8.13
N ARG A 68 11.71 -8.00 -7.22
CA ARG A 68 12.57 -9.14 -7.54
C ARG A 68 11.79 -10.42 -7.85
N SER A 69 10.48 -10.38 -7.65
CA SER A 69 9.63 -11.56 -7.88
C SER A 69 9.29 -11.76 -9.34
N GLU A 70 9.15 -13.02 -9.73
CA GLU A 70 8.85 -13.30 -11.13
C GLU A 70 7.42 -12.92 -11.47
N GLU A 71 7.21 -12.62 -12.74
CA GLU A 71 5.90 -12.23 -13.21
C GLU A 71 5.10 -13.45 -13.69
N PRO A 72 3.83 -13.54 -13.28
CA PRO A 72 2.96 -14.66 -13.68
C PRO A 72 2.30 -14.29 -14.99
N ASP A 73 1.39 -15.15 -15.46
CA ASP A 73 0.67 -14.91 -16.70
C ASP A 73 -0.23 -13.68 -16.51
N GLN A 74 -0.37 -12.90 -17.58
CA GLN A 74 -1.19 -11.69 -17.57
C GLN A 74 -2.58 -11.89 -16.98
N SER A 75 -3.15 -13.07 -17.18
CA SER A 75 -4.48 -13.39 -16.67
C SER A 75 -4.51 -13.38 -15.15
N LYS A 76 -3.34 -13.43 -14.54
CA LYS A 76 -3.27 -13.46 -13.09
C LYS A 76 -2.99 -12.09 -12.47
N PHE A 77 -3.02 -11.04 -13.30
CA PHE A 77 -2.81 -9.68 -12.81
C PHE A 77 -4.08 -9.15 -12.20
N THR A 78 -4.51 -9.76 -11.09
CA THR A 78 -5.73 -9.34 -10.42
C THR A 78 -5.52 -9.28 -8.90
N ILE A 79 -6.41 -8.57 -8.23
CA ILE A 79 -6.33 -8.45 -6.79
C ILE A 79 -6.67 -9.80 -6.18
N ASP A 80 -7.62 -10.49 -6.77
CA ASP A 80 -8.01 -11.80 -6.26
C ASP A 80 -6.79 -12.73 -6.25
N TYR A 81 -5.98 -12.67 -7.31
CA TYR A 81 -4.78 -13.49 -7.37
C TYR A 81 -3.82 -13.06 -6.28
N GLY A 82 -3.74 -11.76 -6.05
CA GLY A 82 -2.86 -11.26 -5.01
C GLY A 82 -3.24 -11.77 -3.63
N VAL A 83 -4.54 -11.91 -3.40
CA VAL A 83 -5.02 -12.41 -2.11
C VAL A 83 -4.57 -13.85 -1.88
N GLU A 84 -4.78 -14.71 -2.88
CA GLU A 84 -4.39 -16.11 -2.78
C GLU A 84 -2.88 -16.24 -2.64
N GLU A 85 -2.16 -15.37 -3.36
CA GLU A 85 -0.70 -15.38 -3.29
C GLU A 85 -0.28 -15.10 -1.84
N ALA A 86 -0.97 -14.14 -1.23
CA ALA A 86 -0.70 -13.73 0.15
C ALA A 86 -1.00 -14.82 1.17
N GLU A 87 -2.12 -15.51 1.02
CA GLU A 87 -2.48 -16.58 1.95
C GLU A 87 -1.48 -17.73 1.82
N ALA A 88 -1.07 -18.00 0.59
CA ALA A 88 -0.09 -19.06 0.35
C ALA A 88 1.22 -18.76 1.07
N LEU A 89 1.66 -17.50 1.02
CA LEU A 89 2.89 -17.11 1.68
C LEU A 89 2.77 -17.22 3.21
N ARG A 90 1.65 -16.75 3.75
CA ARG A 90 1.45 -16.81 5.21
C ARG A 90 1.46 -18.25 5.69
N SER A 91 0.71 -19.11 5.03
CA SER A 91 0.65 -20.51 5.39
C SER A 91 2.00 -21.21 5.21
N LYS A 92 2.58 -21.05 4.03
CA LYS A 92 3.86 -21.68 3.70
C LYS A 92 5.03 -21.00 4.40
N LEU A 93 4.75 -20.29 5.48
CA LEU A 93 5.81 -19.61 6.23
C LEU A 93 5.52 -19.66 7.73
N PHE A 94 4.25 -19.47 8.10
CA PHE A 94 3.87 -19.46 9.50
C PHE A 94 2.83 -20.53 9.85
N GLY A 95 2.56 -21.41 8.89
CA GLY A 95 1.61 -22.48 9.13
C GLY A 95 0.20 -22.00 9.45
N ASN A 96 -0.28 -22.35 10.64
CA ASN A 96 -1.63 -21.95 11.07
C ASN A 96 -1.61 -20.76 12.02
N GLU A 97 -0.43 -20.18 12.25
CA GLU A 97 -0.34 -19.03 13.14
C GLU A 97 -1.23 -17.87 12.73
N LYS A 98 -1.80 -17.20 13.72
CA LYS A 98 -2.66 -16.03 13.47
C LYS A 98 -1.69 -14.85 13.33
N VAL A 99 -1.92 -14.00 12.34
CA VAL A 99 -1.02 -12.87 12.11
C VAL A 99 -1.75 -11.55 11.86
N PHE A 100 -1.04 -10.45 12.02
CA PHE A 100 -1.60 -9.13 11.75
C PHE A 100 -1.25 -8.83 10.31
N LEU A 101 -2.10 -8.07 9.62
CA LEU A 101 -1.85 -7.74 8.22
C LEU A 101 -1.88 -6.22 8.03
N MET A 102 -0.88 -5.69 7.34
CA MET A 102 -0.80 -4.25 7.05
C MET A 102 -0.67 -4.02 5.56
N GLY A 103 -1.46 -3.09 5.04
CA GLY A 103 -1.41 -2.77 3.63
C GLY A 103 -1.29 -1.26 3.44
N SER A 104 -0.53 -0.86 2.42
CA SER A 104 -0.32 0.53 2.10
C SER A 104 -0.88 0.86 0.72
N ALA A 105 -1.81 1.81 0.67
CA ALA A 105 -2.41 2.24 -0.58
C ALA A 105 -3.03 1.04 -1.29
N TYR A 106 -2.54 0.68 -2.48
CA TYR A 106 -3.12 -0.48 -3.15
C TYR A 106 -2.97 -1.70 -2.24
N GLY A 107 -1.89 -1.73 -1.48
CA GLY A 107 -1.65 -2.83 -0.55
C GLY A 107 -2.76 -2.86 0.48
N GLY A 108 -3.32 -1.67 0.75
CA GLY A 108 -4.42 -1.56 1.70
C GLY A 108 -5.67 -2.20 1.13
N ALA A 109 -5.99 -1.87 -0.12
CA ALA A 109 -7.15 -2.47 -0.77
C ALA A 109 -6.96 -4.00 -0.84
N LEU A 110 -5.74 -4.45 -1.11
CA LEU A 110 -5.44 -5.86 -1.21
C LEU A 110 -5.62 -6.51 0.16
N ALA A 111 -5.26 -5.78 1.21
CA ALA A 111 -5.37 -6.27 2.58
C ALA A 111 -6.85 -6.36 2.97
N LEU A 112 -7.66 -5.49 2.38
CA LEU A 112 -9.09 -5.49 2.65
C LEU A 112 -9.71 -6.71 1.98
N ALA A 113 -9.32 -6.97 0.74
CA ALA A 113 -9.83 -8.12 0.01
C ALA A 113 -9.42 -9.38 0.76
N TYR A 114 -8.18 -9.41 1.22
CA TYR A 114 -7.69 -10.56 1.96
C TYR A 114 -8.58 -10.82 3.18
N ALA A 115 -8.74 -9.79 4.03
CA ALA A 115 -9.54 -9.91 5.24
C ALA A 115 -10.96 -10.41 4.96
N VAL A 116 -11.55 -9.93 3.87
CA VAL A 116 -12.89 -10.34 3.50
C VAL A 116 -13.00 -11.85 3.39
N LYS A 117 -11.94 -12.49 2.91
CA LYS A 117 -11.95 -13.94 2.75
C LYS A 117 -11.21 -14.73 3.83
N TYR A 118 -10.05 -14.22 4.26
CA TYR A 118 -9.22 -14.92 5.23
C TYR A 118 -9.00 -14.27 6.58
N GLN A 119 -9.94 -13.42 7.02
CA GLN A 119 -9.79 -12.76 8.30
C GLN A 119 -9.65 -13.73 9.47
N ASP A 120 -9.97 -14.99 9.23
CA ASP A 120 -9.87 -15.99 10.28
C ASP A 120 -8.40 -16.33 10.57
N HIS A 121 -7.50 -15.91 9.68
CA HIS A 121 -6.08 -16.16 9.86
C HIS A 121 -5.42 -14.92 10.42
N LEU A 122 -6.21 -13.91 10.77
CA LEU A 122 -5.67 -12.65 11.27
C LEU A 122 -6.10 -12.22 12.67
N LYS A 123 -5.19 -11.60 13.41
CA LYS A 123 -5.51 -11.08 14.74
C LYS A 123 -5.90 -9.62 14.58
N GLY A 124 -5.38 -9.00 13.52
CA GLY A 124 -5.68 -7.60 13.31
C GLY A 124 -5.36 -7.14 11.89
N LEU A 125 -5.89 -5.98 11.54
CA LEU A 125 -5.71 -5.45 10.19
C LEU A 125 -5.34 -3.97 10.26
N ILE A 126 -4.39 -3.57 9.42
CA ILE A 126 -3.94 -2.19 9.36
C ILE A 126 -3.93 -1.70 7.90
N VAL A 127 -4.64 -0.62 7.63
CA VAL A 127 -4.72 -0.06 6.27
C VAL A 127 -4.21 1.38 6.31
N SER A 128 -3.11 1.63 5.60
CA SER A 128 -2.52 2.95 5.56
C SER A 128 -2.60 3.55 4.16
N GLY A 129 -3.29 4.69 4.06
CA GLY A 129 -3.46 5.35 2.77
C GLY A 129 -4.16 4.40 1.81
N GLY A 130 -4.99 3.52 2.36
CA GLY A 130 -5.70 2.54 1.57
C GLY A 130 -7.02 3.00 0.98
N LEU A 131 -7.69 2.09 0.29
CA LEU A 131 -8.96 2.42 -0.35
C LEU A 131 -9.81 1.17 -0.51
N SER A 132 -11.12 1.38 -0.56
CA SER A 132 -12.07 0.29 -0.75
C SER A 132 -12.72 0.50 -2.13
N SER A 133 -12.44 1.65 -2.74
CA SER A 133 -12.98 2.00 -4.06
C SER A 133 -12.02 2.84 -4.88
N VAL A 134 -11.60 2.30 -6.02
CA VAL A 134 -10.68 3.04 -6.88
C VAL A 134 -11.38 4.26 -7.46
N PRO A 135 -12.64 4.11 -7.92
CA PRO A 135 -13.37 5.26 -8.49
C PRO A 135 -13.45 6.43 -7.51
N LEU A 136 -13.76 6.13 -6.26
CA LEU A 136 -13.85 7.14 -5.22
C LEU A 136 -12.52 7.84 -5.06
N THR A 137 -11.44 7.05 -5.02
CA THR A 137 -10.09 7.58 -4.87
C THR A 137 -9.78 8.52 -6.03
N VAL A 138 -10.22 8.15 -7.23
CA VAL A 138 -10.00 8.96 -8.42
C VAL A 138 -10.76 10.29 -8.28
N LYS A 139 -12.00 10.20 -7.80
CA LYS A 139 -12.82 11.39 -7.60
C LYS A 139 -12.09 12.39 -6.71
N GLU A 140 -11.57 11.90 -5.58
CA GLU A 140 -10.85 12.74 -4.63
C GLU A 140 -9.53 13.27 -5.19
N MET A 141 -8.83 12.44 -5.97
CA MET A 141 -7.56 12.87 -6.55
C MET A 141 -7.80 13.98 -7.57
N ASN A 142 -8.90 13.87 -8.30
CA ASN A 142 -9.23 14.88 -9.29
C ASN A 142 -9.41 16.22 -8.59
N ARG A 143 -10.03 16.20 -7.41
CA ARG A 143 -10.23 17.42 -6.65
C ARG A 143 -8.87 17.99 -6.27
N LEU A 144 -7.94 17.11 -5.91
CA LEU A 144 -6.61 17.54 -5.54
C LEU A 144 -5.88 18.22 -6.71
N ILE A 145 -6.05 17.65 -7.90
CA ILE A 145 -5.43 18.21 -9.09
C ILE A 145 -5.92 19.65 -9.32
N ASP A 146 -7.23 19.86 -9.23
CA ASP A 146 -7.81 21.19 -9.41
C ASP A 146 -7.38 22.17 -8.34
N GLU A 147 -7.10 21.65 -7.14
CA GLU A 147 -6.67 22.49 -6.03
C GLU A 147 -5.21 22.92 -6.18
N LEU A 148 -4.53 22.34 -7.16
CA LEU A 148 -3.15 22.69 -7.41
C LEU A 148 -3.07 24.02 -8.14
N PRO A 149 -1.92 24.70 -8.08
CA PRO A 149 -1.82 25.99 -8.78
C PRO A 149 -2.02 25.80 -10.28
N ALA A 150 -2.86 26.64 -10.87
CA ALA A 150 -3.17 26.57 -12.30
C ALA A 150 -2.00 26.10 -13.15
N LYS A 151 -0.82 26.62 -12.84
CA LYS A 151 0.40 26.27 -13.56
C LYS A 151 0.47 24.76 -13.81
N TYR A 152 0.56 24.00 -12.72
CA TYR A 152 0.65 22.55 -12.80
C TYR A 152 -0.68 21.91 -13.17
N ARG A 153 -1.77 22.46 -12.65
CA ARG A 153 -3.10 21.95 -12.93
C ARG A 153 -3.35 21.90 -14.43
N ASP A 154 -2.93 22.95 -15.14
CA ASP A 154 -3.13 23.01 -16.58
C ASP A 154 -2.30 21.95 -17.31
N ALA A 155 -1.02 21.85 -16.96
CA ALA A 155 -0.15 20.86 -17.60
C ALA A 155 -0.74 19.47 -17.47
N ILE A 156 -1.35 19.20 -16.31
CA ILE A 156 -1.96 17.91 -16.06
C ILE A 156 -3.13 17.63 -17.01
N LYS A 157 -4.03 18.60 -17.14
CA LYS A 157 -5.19 18.43 -18.00
C LYS A 157 -4.84 18.54 -19.48
N LYS A 158 -3.77 19.25 -19.79
CA LYS A 158 -3.34 19.42 -21.19
C LYS A 158 -2.62 18.18 -21.73
N TYR A 159 -1.41 17.94 -21.23
CA TYR A 159 -0.63 16.80 -21.71
C TYR A 159 -1.25 15.49 -21.24
N GLY A 160 -1.93 15.53 -20.10
CA GLY A 160 -2.56 14.33 -19.59
C GLY A 160 -3.70 13.87 -20.49
N SER A 161 -4.40 14.81 -21.08
CA SER A 161 -5.52 14.48 -21.97
C SER A 161 -5.03 14.13 -23.37
N SER A 162 -3.73 14.32 -23.60
CA SER A 162 -3.12 14.05 -24.89
C SER A 162 -2.18 12.84 -24.83
N GLY A 163 -2.08 12.24 -23.64
CA GLY A 163 -1.21 11.09 -23.46
C GLY A 163 0.25 11.40 -23.68
N SER A 164 0.63 12.65 -23.44
CA SER A 164 2.02 13.09 -23.61
C SER A 164 2.68 13.20 -22.25
N TYR A 165 2.78 12.08 -21.54
CA TYR A 165 3.37 12.06 -20.21
C TYR A 165 4.88 12.26 -20.25
N GLU A 166 5.43 12.35 -21.46
CA GLU A 166 6.87 12.55 -21.61
C GLU A 166 7.26 14.02 -21.72
N ASN A 167 6.31 14.89 -21.43
CA ASN A 167 6.56 16.33 -21.50
C ASN A 167 7.14 16.84 -20.18
N PRO A 168 8.16 17.72 -20.24
CA PRO A 168 8.77 18.27 -19.03
C PRO A 168 7.80 19.07 -18.16
N GLU A 169 6.92 19.84 -18.79
CA GLU A 169 5.95 20.64 -18.04
C GLU A 169 5.00 19.72 -17.29
N TYR A 170 4.53 18.68 -17.97
CA TYR A 170 3.63 17.72 -17.35
C TYR A 170 4.38 17.01 -16.23
N GLN A 171 5.64 16.68 -16.51
CA GLN A 171 6.50 16.00 -15.55
C GLN A 171 6.73 16.84 -14.30
N GLU A 172 6.94 18.13 -14.50
CA GLU A 172 7.16 19.05 -13.38
C GLU A 172 5.88 19.15 -12.57
N ALA A 173 4.74 18.96 -13.23
CA ALA A 173 3.44 19.02 -12.57
C ALA A 173 3.26 17.78 -11.68
N VAL A 174 3.72 16.63 -12.18
CA VAL A 174 3.63 15.38 -11.42
C VAL A 174 4.54 15.46 -10.19
N ASN A 175 5.76 15.93 -10.40
CA ASN A 175 6.71 16.05 -9.31
C ASN A 175 6.13 16.89 -8.18
N TYR A 176 5.51 18.01 -8.55
CA TYR A 176 4.89 18.90 -7.56
C TYR A 176 3.82 18.17 -6.77
N PHE A 177 2.86 17.58 -7.49
CA PHE A 177 1.78 16.84 -6.85
C PHE A 177 2.33 15.81 -5.87
N TYR A 178 3.39 15.11 -6.28
CA TYR A 178 4.04 14.09 -5.46
C TYR A 178 4.65 14.66 -4.19
N HIS A 179 5.34 15.78 -4.32
CA HIS A 179 6.00 16.44 -3.20
C HIS A 179 4.98 17.08 -2.27
N GLN A 180 3.72 17.04 -2.68
CA GLN A 180 2.67 17.62 -1.87
C GLN A 180 1.76 16.54 -1.27
N HIS A 181 1.50 15.50 -2.07
CA HIS A 181 0.60 14.43 -1.61
C HIS A 181 1.16 13.01 -1.48
N LEU A 182 2.39 12.79 -1.95
CA LEU A 182 3.01 11.46 -1.86
C LEU A 182 4.03 11.39 -0.73
N LEU A 183 5.00 12.30 -0.76
CA LEU A 183 6.03 12.37 0.26
C LEU A 183 6.43 13.82 0.39
N ARG A 184 6.14 14.42 1.53
CA ARG A 184 6.46 15.82 1.76
C ARG A 184 7.87 15.92 2.32
N SER A 185 8.85 15.81 1.41
CA SER A 185 10.25 15.88 1.78
C SER A 185 11.08 16.30 0.58
N GLU A 186 12.14 17.07 0.85
CA GLU A 186 13.03 17.53 -0.21
C GLU A 186 14.14 16.53 -0.49
N ASP A 187 14.21 15.48 0.33
CA ASP A 187 15.23 14.44 0.19
C ASP A 187 14.60 13.07 0.46
N TRP A 188 14.08 12.45 -0.59
CA TRP A 188 13.43 11.14 -0.48
C TRP A 188 14.41 10.01 -0.14
N PRO A 189 14.02 9.13 0.77
CA PRO A 189 14.92 8.02 1.12
C PRO A 189 15.13 7.07 -0.04
N PRO A 190 16.31 6.44 -0.11
CA PRO A 190 16.64 5.49 -1.19
C PRO A 190 15.58 4.40 -1.33
N GLU A 191 15.08 3.91 -0.20
CA GLU A 191 14.08 2.85 -0.21
C GLU A 191 12.82 3.23 -1.00
N VAL A 192 12.37 4.47 -0.86
CA VAL A 192 11.20 4.93 -1.58
C VAL A 192 11.52 5.03 -3.06
N LEU A 193 12.68 5.61 -3.36
CA LEU A 193 13.12 5.77 -4.74
C LEU A 193 13.28 4.42 -5.44
N LYS A 194 13.75 3.42 -4.69
CA LYS A 194 13.94 2.10 -5.27
C LYS A 194 12.62 1.48 -5.70
N SER A 195 11.59 1.64 -4.88
CA SER A 195 10.26 1.09 -5.19
C SER A 195 9.68 1.79 -6.42
N LEU A 196 9.86 3.10 -6.49
CA LEU A 196 9.37 3.86 -7.63
C LEU A 196 10.06 3.36 -8.89
N GLU A 197 11.39 3.21 -8.81
CA GLU A 197 12.18 2.72 -9.93
C GLU A 197 11.66 1.34 -10.34
N TYR A 198 11.41 0.49 -9.36
CA TYR A 198 10.90 -0.85 -9.62
C TYR A 198 9.58 -0.84 -10.37
N ALA A 199 8.71 0.10 -10.03
CA ALA A 199 7.41 0.19 -10.69
C ALA A 199 7.59 0.53 -12.17
N GLU A 200 8.56 1.38 -12.46
CA GLU A 200 8.84 1.80 -13.82
C GLU A 200 9.55 0.70 -14.61
N ARG A 201 10.29 -0.16 -13.92
CA ARG A 201 11.00 -1.24 -14.58
C ARG A 201 10.14 -2.45 -14.93
N ARG A 202 9.20 -2.80 -14.04
CA ARG A 202 8.35 -3.96 -14.30
C ARG A 202 7.10 -3.53 -15.09
N ASN A 203 6.16 -4.46 -15.28
CA ASN A 203 4.97 -4.17 -16.07
C ASN A 203 3.67 -4.03 -15.29
N VAL A 204 3.61 -4.59 -14.10
CA VAL A 204 2.41 -4.53 -13.29
C VAL A 204 1.85 -3.12 -13.09
N TYR A 205 2.72 -2.17 -12.77
CA TYR A 205 2.27 -0.80 -12.56
C TYR A 205 1.56 -0.23 -13.80
N ARG A 206 2.15 -0.45 -14.96
CA ARG A 206 1.61 0.04 -16.23
C ARG A 206 0.34 -0.68 -16.65
N ILE A 207 0.25 -1.97 -16.33
CA ILE A 207 -0.90 -2.78 -16.70
C ILE A 207 -2.09 -2.68 -15.74
N MET A 208 -1.81 -2.67 -14.43
CA MET A 208 -2.89 -2.62 -13.46
C MET A 208 -3.25 -1.21 -12.99
N ASN A 209 -2.25 -0.33 -12.90
CA ASN A 209 -2.49 1.03 -12.44
C ASN A 209 -2.63 2.07 -13.56
N GLY A 210 -1.49 2.43 -14.17
CA GLY A 210 -1.50 3.42 -15.23
C GLY A 210 -0.22 4.24 -15.22
N PRO A 211 -0.18 5.33 -16.00
CA PRO A 211 0.99 6.22 -16.12
C PRO A 211 1.55 6.76 -14.81
N ASN A 212 0.67 7.05 -13.84
CA ASN A 212 1.14 7.58 -12.58
C ASN A 212 0.09 7.47 -11.47
N GLU A 213 0.45 7.96 -10.29
CA GLU A 213 -0.39 7.94 -9.10
C GLU A 213 -1.82 8.45 -9.27
N PHE A 214 -1.98 9.53 -10.03
CA PHE A 214 -3.31 10.11 -10.22
C PHE A 214 -3.89 9.87 -11.61
N THR A 215 -3.29 8.97 -12.36
CA THR A 215 -3.78 8.64 -13.70
C THR A 215 -4.05 7.14 -13.75
N ILE A 216 -4.94 6.70 -12.89
CA ILE A 216 -5.27 5.28 -12.78
C ILE A 216 -6.22 4.80 -13.88
N THR A 217 -5.65 4.39 -15.00
CA THR A 217 -6.43 3.91 -16.13
C THR A 217 -6.13 2.43 -16.39
N GLY A 218 -5.63 1.76 -15.36
CA GLY A 218 -5.29 0.34 -15.48
C GLY A 218 -6.48 -0.59 -15.35
N THR A 219 -6.21 -1.87 -15.10
CA THR A 219 -7.27 -2.86 -14.98
C THR A 219 -8.00 -2.84 -13.64
N ILE A 220 -7.65 -1.90 -12.76
CA ILE A 220 -8.32 -1.83 -11.46
C ILE A 220 -9.17 -0.57 -11.31
N LYS A 221 -9.17 0.27 -12.35
CA LYS A 221 -9.90 1.53 -12.34
C LYS A 221 -11.34 1.51 -11.85
N ASP A 222 -12.01 0.37 -11.98
CA ASP A 222 -13.39 0.25 -11.55
C ASP A 222 -13.56 -0.58 -10.27
N TRP A 223 -12.46 -1.16 -9.80
CA TRP A 223 -12.49 -2.00 -8.60
C TRP A 223 -13.13 -1.28 -7.42
N ASP A 224 -14.11 -1.94 -6.80
CA ASP A 224 -14.81 -1.36 -5.67
C ASP A 224 -15.49 -2.44 -4.84
N ILE A 225 -15.05 -2.59 -3.59
CA ILE A 225 -15.64 -3.59 -2.69
C ILE A 225 -16.12 -2.97 -1.39
N THR A 226 -16.48 -1.69 -1.45
CA THR A 226 -16.98 -0.96 -0.27
C THR A 226 -18.16 -1.69 0.39
N ASP A 227 -18.97 -2.38 -0.42
CA ASP A 227 -20.14 -3.09 0.11
C ASP A 227 -19.79 -4.45 0.73
N LYS A 228 -18.53 -4.84 0.65
CA LYS A 228 -18.08 -6.13 1.18
C LYS A 228 -17.32 -5.99 2.50
N ILE A 229 -16.55 -4.91 2.64
CA ILE A 229 -15.73 -4.71 3.82
C ILE A 229 -16.42 -4.71 5.19
N SER A 230 -17.73 -4.50 5.22
CA SER A 230 -18.45 -4.50 6.49
C SER A 230 -18.38 -5.88 7.16
N ALA A 231 -18.03 -6.89 6.36
CA ALA A 231 -17.92 -8.26 6.87
C ALA A 231 -16.69 -8.45 7.74
N ILE A 232 -15.82 -7.43 7.78
CA ILE A 232 -14.61 -7.51 8.58
C ILE A 232 -14.94 -7.21 10.03
N LYS A 233 -14.67 -8.18 10.91
CA LYS A 233 -14.96 -8.02 12.33
C LYS A 233 -13.73 -8.01 13.23
N ILE A 234 -12.56 -8.15 12.65
CA ILE A 234 -11.34 -8.17 13.45
C ILE A 234 -10.85 -6.75 13.74
N PRO A 235 -9.99 -6.60 14.78
CA PRO A 235 -9.47 -5.28 15.10
C PRO A 235 -8.81 -4.68 13.85
N THR A 236 -9.18 -3.44 13.55
CA THR A 236 -8.66 -2.75 12.37
C THR A 236 -8.21 -1.34 12.73
N LEU A 237 -7.05 -0.96 12.19
CA LEU A 237 -6.47 0.37 12.42
C LEU A 237 -6.33 1.01 11.05
N ILE A 238 -7.00 2.13 10.85
CA ILE A 238 -6.93 2.82 9.56
C ILE A 238 -6.19 4.13 9.73
N THR A 239 -5.15 4.34 8.92
CA THR A 239 -4.39 5.58 9.00
C THR A 239 -4.38 6.29 7.65
N VAL A 240 -4.18 7.60 7.69
CA VAL A 240 -4.15 8.38 6.47
C VAL A 240 -3.47 9.71 6.77
N GLY A 241 -2.80 10.27 5.78
CA GLY A 241 -2.15 11.55 5.97
C GLY A 241 -3.09 12.70 5.65
N GLU A 242 -2.89 13.82 6.33
CA GLU A 242 -3.70 15.01 6.09
C GLU A 242 -3.69 15.37 4.60
N TYR A 243 -2.51 15.34 3.99
CA TYR A 243 -2.36 15.67 2.57
C TYR A 243 -2.25 14.45 1.65
N ASP A 244 -2.63 13.28 2.17
CA ASP A 244 -2.57 12.02 1.46
C ASP A 244 -3.26 12.05 0.09
N GLU A 245 -2.57 11.55 -0.93
CA GLU A 245 -3.14 11.51 -2.28
C GLU A 245 -4.41 10.64 -2.23
N VAL A 246 -4.47 9.74 -1.25
CA VAL A 246 -5.65 8.89 -1.02
C VAL A 246 -6.24 9.51 0.25
N THR A 247 -6.96 10.61 0.06
CA THR A 247 -7.56 11.41 1.14
C THR A 247 -8.26 10.72 2.28
N PRO A 248 -8.32 11.40 3.43
CA PRO A 248 -8.99 10.83 4.61
C PRO A 248 -10.47 10.58 4.36
N ASN A 249 -11.00 11.20 3.30
CA ASN A 249 -12.39 11.00 2.94
C ASN A 249 -12.55 9.55 2.46
N VAL A 250 -11.55 9.06 1.74
CA VAL A 250 -11.58 7.68 1.25
C VAL A 250 -11.42 6.74 2.45
N ALA A 251 -10.56 7.13 3.38
CA ALA A 251 -10.32 6.35 4.59
C ALA A 251 -11.60 6.27 5.43
N ARG A 252 -12.30 7.39 5.55
CA ARG A 252 -13.55 7.47 6.30
C ARG A 252 -14.54 6.40 5.82
N VAL A 253 -14.60 6.22 4.50
CA VAL A 253 -15.48 5.22 3.92
C VAL A 253 -15.16 3.81 4.43
N ILE A 254 -13.87 3.51 4.57
CA ILE A 254 -13.43 2.21 5.09
C ILE A 254 -13.82 2.15 6.57
N HIS A 255 -13.47 3.19 7.31
CA HIS A 255 -13.76 3.28 8.73
C HIS A 255 -15.23 3.02 9.08
N GLU A 256 -16.12 3.62 8.29
CA GLU A 256 -17.57 3.46 8.49
C GLU A 256 -18.03 2.00 8.46
N LYS A 257 -17.57 1.28 7.44
CA LYS A 257 -17.95 -0.13 7.27
C LYS A 257 -17.38 -1.12 8.28
N ILE A 258 -16.15 -0.90 8.74
CA ILE A 258 -15.55 -1.85 9.68
C ILE A 258 -15.85 -1.42 11.12
N ALA A 259 -16.85 -2.03 11.73
CA ALA A 259 -17.22 -1.68 13.11
C ALA A 259 -16.03 -1.90 14.04
N GLY A 260 -15.91 -1.03 15.04
CA GLY A 260 -14.83 -1.12 15.99
C GLY A 260 -13.48 -0.66 15.45
N SER A 261 -13.41 -0.33 14.16
CA SER A 261 -12.14 0.10 13.58
C SER A 261 -11.72 1.46 14.11
N GLU A 262 -10.44 1.78 13.97
CA GLU A 262 -9.90 3.06 14.42
C GLU A 262 -9.45 3.82 13.17
N LEU A 263 -9.63 5.14 13.20
CA LEU A 263 -9.23 6.00 12.09
C LEU A 263 -8.30 7.06 12.66
N HIS A 264 -7.08 7.14 12.13
CA HIS A 264 -6.11 8.13 12.62
C HIS A 264 -5.56 8.92 11.44
N VAL A 265 -5.69 10.25 11.52
CA VAL A 265 -5.19 11.12 10.46
C VAL A 265 -3.89 11.79 10.92
N PHE A 266 -2.79 11.46 10.25
CA PHE A 266 -1.50 12.04 10.59
C PHE A 266 -1.39 13.47 10.10
N ARG A 267 -1.35 14.41 11.02
CA ARG A 267 -1.25 15.82 10.68
C ARG A 267 0.10 16.13 10.03
N ASP A 268 0.10 17.05 9.07
CA ASP A 268 1.32 17.45 8.38
C ASP A 268 1.97 16.30 7.61
N CYS A 269 1.20 15.27 7.28
CA CYS A 269 1.75 14.14 6.54
C CYS A 269 0.91 13.87 5.30
N SER A 270 1.44 13.07 4.39
CA SER A 270 0.72 12.75 3.17
C SER A 270 0.49 11.24 3.07
N HIS A 271 0.97 10.63 1.99
CA HIS A 271 0.80 9.20 1.76
C HIS A 271 1.85 8.31 2.44
N LEU A 272 3.13 8.64 2.30
CA LEU A 272 4.18 7.82 2.91
C LEU A 272 4.45 8.25 4.36
N THR A 273 3.40 8.15 5.16
CA THR A 273 3.45 8.51 6.57
C THR A 273 4.52 7.74 7.34
N MET A 274 4.91 6.56 6.85
CA MET A 274 5.94 5.77 7.54
C MET A 274 7.32 6.42 7.46
N TRP A 275 7.46 7.42 6.59
CA TRP A 275 8.73 8.13 6.46
C TRP A 275 8.62 9.56 6.99
N GLU A 276 7.48 10.20 6.74
CA GLU A 276 7.25 11.56 7.18
C GLU A 276 7.21 11.65 8.71
N ASP A 277 6.66 10.61 9.33
CA ASP A 277 6.58 10.54 10.79
C ASP A 277 6.90 9.11 11.21
N ARG A 278 8.10 8.66 10.85
CA ARG A 278 8.56 7.31 11.14
C ARG A 278 8.32 6.84 12.57
N GLU A 279 8.82 7.59 13.54
CA GLU A 279 8.67 7.20 14.94
C GLU A 279 7.22 7.16 15.39
N GLY A 280 6.43 8.13 14.94
CA GLY A 280 5.03 8.20 15.31
C GLY A 280 4.20 7.13 14.63
N TYR A 281 4.53 6.85 13.36
CA TYR A 281 3.81 5.85 12.60
C TYR A 281 4.02 4.46 13.22
N ASN A 282 5.28 4.12 13.46
CA ASN A 282 5.65 2.83 14.04
C ASN A 282 5.11 2.65 15.44
N LYS A 283 5.05 3.74 16.21
CA LYS A 283 4.53 3.67 17.57
C LYS A 283 3.04 3.35 17.55
N LEU A 284 2.31 4.02 16.66
CA LEU A 284 0.87 3.80 16.53
C LEU A 284 0.56 2.35 16.17
N LEU A 285 1.27 1.81 15.17
CA LEU A 285 1.03 0.43 14.77
C LEU A 285 1.46 -0.54 15.86
N SER A 286 2.61 -0.28 16.47
CA SER A 286 3.12 -1.15 17.53
C SER A 286 2.12 -1.22 18.69
N ASP A 287 1.63 -0.07 19.15
CA ASP A 287 0.65 -0.08 20.25
C ASP A 287 -0.61 -0.83 19.85
N PHE A 288 -1.06 -0.63 18.62
CA PHE A 288 -2.26 -1.32 18.15
C PHE A 288 -2.04 -2.83 18.22
N ILE A 289 -0.98 -3.31 17.56
CA ILE A 289 -0.65 -4.73 17.54
C ILE A 289 -0.55 -5.31 18.95
N LEU A 290 0.30 -4.70 19.77
CA LEU A 290 0.54 -5.17 21.12
C LEU A 290 -0.70 -5.17 22.03
N LYS A 291 -1.73 -4.42 21.67
CA LYS A 291 -2.94 -4.37 22.49
C LYS A 291 -4.02 -5.31 21.95
N HIS A 292 -3.67 -6.14 20.99
CA HIS A 292 -4.65 -7.06 20.41
C HIS A 292 -4.09 -8.46 20.24
N LEU A 293 -3.11 -8.80 21.08
CA LEU A 293 -2.48 -10.11 21.05
C LEU A 293 -3.51 -11.21 21.32
#